data_3M4H
#
_entry.id   3M4H
#
_cell.length_a   49.39
_cell.length_b   66.88
_cell.length_c   47.37
_cell.angle_alpha   90.00
_cell.angle_beta   92.11
_cell.angle_gamma   90.00
#
_symmetry.space_group_name_H-M   'P 1 21 1'
#
loop_
_entity.id
_entity.type
_entity.pdbx_description
1 polymer 'Aldose reductase'
2 non-polymer 'NADP NICOTINAMIDE-ADENINE-DINUCLEOTIDE PHOSPHATE'
3 non-polymer '(2-{[(4-BROMO-2-FLUOROBENZYL)AMINO]CARBONYL}-5-CHLOROPHENOXY)ACETIC ACID'
4 non-polymer 'CITRIC ACID'
5 non-polymer 'BROMIDE ION'
6 water water
#
_entity_poly.entity_id   1
_entity_poly.type   'polypeptide(L)'
_entity_poly.pdbx_seq_one_letter_code
;MASRILLNNGAKMPILGLGTWKSPPGQVTEAVKVAIDVGYRHIDCAHVYQNENEVGVAIQEKLREQVVKREELFIVSKLW
CTYHEKGLVKGACQKTLSDLKLDYLDLYLIHWPVGFKPGKEFFPLDESGNVVPSDTNILDTWAAMEELVDEGLVKAIGIS
NFNHLQVEMILNKPGLKYKPAVNQIECHPYLTQEKLIQYCQSKGIVVTAYSPLGSPDRPWAKPEDPSLLEDPRIKAIAAK
HNKTTAQVLIRFPMQRNLVVIPKSVTPERIAENFKVFDFELSSQDMTTLLSYNRNWRVCALLSCTSHKDYPFHEEF
;
_entity_poly.pdbx_strand_id   A
#
loop_
_chem_comp.id
_chem_comp.type
_chem_comp.name
_chem_comp.formula
388 non-polymer '(2-{[(4-BROMO-2-FLUOROBENZYL)AMINO]CARBONYL}-5-CHLOROPHENOXY)ACETIC ACID' 'C16 H12 Br Cl F N O4'
BR non-polymer 'BROMIDE ION' 'Br -1'
CIT non-polymer 'CITRIC ACID' 'C6 H8 O7'
NAP non-polymer 'NADP NICOTINAMIDE-ADENINE-DINUCLEOTIDE PHOSPHATE' 'C21 H28 N7 O17 P3'
#
# COMPACT_ATOMS: atom_id res chain seq x y z
N MET A 1 -20.05 -7.24 -8.18
CA MET A 1 -18.99 -6.36 -7.70
C MET A 1 -18.21 -5.78 -8.88
N ALA A 2 -18.26 -4.48 -9.06
CA ALA A 2 -17.54 -3.84 -10.15
C ALA A 2 -16.03 -3.95 -9.92
N SER A 3 -15.26 -4.13 -10.98
CA SER A 3 -13.85 -4.43 -10.80
C SER A 3 -12.99 -3.22 -10.47
N ARG A 4 -13.45 -2.01 -10.75
CA ARG A 4 -12.65 -0.80 -10.56
C ARG A 4 -13.42 0.22 -9.75
N ILE A 5 -12.69 1.05 -9.02
CA ILE A 5 -13.21 2.15 -8.23
CA ILE A 5 -13.21 2.15 -8.24
C ILE A 5 -12.72 3.47 -8.83
N LEU A 6 -13.60 4.46 -8.88
CA LEU A 6 -13.27 5.78 -9.40
C LEU A 6 -12.50 6.60 -8.37
N LEU A 7 -11.35 7.09 -8.76
CA LEU A 7 -10.52 7.97 -7.96
C LEU A 7 -10.89 9.44 -8.21
N ASN A 8 -10.45 10.27 -7.28
CA ASN A 8 -10.67 11.72 -7.37
C ASN A 8 -9.78 12.43 -8.36
N ASN A 9 -8.96 11.71 -9.14
CA ASN A 9 -8.30 12.26 -10.31
C ASN A 9 -9.05 11.92 -11.59
N GLY A 10 -10.20 11.25 -11.47
CA GLY A 10 -10.97 10.86 -12.63
C GLY A 10 -10.62 9.54 -13.28
N ALA A 11 -9.60 8.85 -12.80
CA ALA A 11 -9.17 7.55 -13.30
C ALA A 11 -9.80 6.43 -12.46
N LYS A 12 -9.87 5.25 -13.05
CA LYS A 12 -10.41 4.06 -12.38
C LYS A 12 -9.27 3.14 -11.97
N MET A 13 -9.39 2.59 -10.76
CA MET A 13 -8.37 1.77 -10.13
C MET A 13 -8.92 0.36 -9.88
N PRO A 14 -8.27 -0.70 -10.34
CA PRO A 14 -8.74 -2.07 -10.02
C PRO A 14 -8.71 -2.31 -8.52
N ILE A 15 -9.83 -2.84 -8.00
CA ILE A 15 -9.96 -3.07 -6.57
C ILE A 15 -9.14 -4.25 -6.07
N LEU A 16 -8.68 -5.12 -6.96
CA LEU A 16 -7.78 -6.22 -6.59
CA LEU A 16 -7.76 -6.19 -6.54
C LEU A 16 -6.44 -5.99 -7.27
N GLY A 17 -5.37 -6.00 -6.49
CA GLY A 17 -4.03 -5.95 -7.05
C GLY A 17 -3.15 -7.00 -6.41
N LEU A 18 -1.97 -7.19 -7.02
CA LEU A 18 -0.96 -8.12 -6.54
C LEU A 18 0.10 -7.37 -5.73
N GLY A 19 0.30 -7.80 -4.49
CA GLY A 19 1.38 -7.27 -3.68
C GLY A 19 2.71 -7.92 -4.03
N THR A 20 3.80 -7.18 -3.77
CA THR A 20 5.14 -7.63 -4.15
C THR A 20 6.19 -7.50 -3.05
N TRP A 21 5.83 -7.03 -1.84
CA TRP A 21 6.80 -7.01 -0.76
C TRP A 21 7.15 -8.44 -0.37
N LYS A 22 8.45 -8.75 -0.31
CA LYS A 22 8.99 -10.04 0.06
C LYS A 22 8.97 -11.03 -1.09
N SER A 23 8.44 -10.65 -2.26
CA SER A 23 8.44 -11.58 -3.39
C SER A 23 9.88 -11.70 -3.86
N PRO A 24 10.47 -12.89 -3.82
CA PRO A 24 11.90 -12.96 -4.14
C PRO A 24 12.16 -12.54 -5.57
N PRO A 25 13.31 -11.91 -5.84
CA PRO A 25 13.57 -11.42 -7.19
C PRO A 25 13.59 -12.54 -8.23
N GLY A 26 13.97 -13.76 -7.84
CA GLY A 26 13.98 -14.88 -8.75
C GLY A 26 12.64 -15.55 -8.96
N GLN A 27 11.61 -15.09 -8.24
CA GLN A 27 10.25 -15.60 -8.38
C GLN A 27 9.25 -14.57 -8.83
N VAL A 28 9.53 -13.28 -8.65
CA VAL A 28 8.49 -12.27 -8.86
C VAL A 28 8.19 -12.04 -10.32
N THR A 29 9.15 -12.26 -11.23
CA THR A 29 8.81 -12.09 -12.65
C THR A 29 7.73 -13.08 -13.04
N GLU A 30 7.91 -14.36 -12.69
CA GLU A 30 6.88 -15.33 -13.01
C GLU A 30 5.59 -15.01 -12.27
N ALA A 31 5.67 -14.56 -11.02
CA ALA A 31 4.45 -14.26 -10.27
C ALA A 31 3.61 -13.22 -10.99
N VAL A 32 4.27 -12.15 -11.44
CA VAL A 32 3.54 -11.07 -12.10
C VAL A 32 3.04 -11.54 -13.46
N LYS A 33 3.81 -12.33 -14.21
CA LYS A 33 3.32 -12.88 -15.48
C LYS A 33 2.07 -13.70 -15.27
N VAL A 34 2.11 -14.61 -14.28
CA VAL A 34 0.94 -15.43 -13.98
C VAL A 34 -0.25 -14.55 -13.58
N ALA A 35 0.02 -13.57 -12.70
CA ALA A 35 -1.06 -12.68 -12.26
C ALA A 35 -1.74 -12.03 -13.44
N ILE A 36 -0.96 -11.44 -14.35
CA ILE A 36 -1.57 -10.79 -15.52
C ILE A 36 -2.31 -11.81 -16.37
N ASP A 37 -1.75 -13.00 -16.55
CA ASP A 37 -2.44 -14.04 -17.33
C ASP A 37 -3.79 -14.42 -16.74
N VAL A 38 -3.94 -14.41 -15.42
CA VAL A 38 -5.17 -14.84 -14.78
C VAL A 38 -6.11 -13.71 -14.45
N GLY A 39 -5.76 -12.47 -14.80
CA GLY A 39 -6.70 -11.36 -14.76
C GLY A 39 -6.27 -10.16 -13.96
N TYR A 40 -5.19 -10.23 -13.18
CA TYR A 40 -4.79 -9.04 -12.41
C TYR A 40 -4.40 -7.93 -13.37
N ARG A 41 -4.78 -6.71 -13.00
CA ARG A 41 -4.47 -5.53 -13.80
C ARG A 41 -3.82 -4.44 -12.95
N HIS A 42 -3.55 -4.72 -11.68
CA HIS A 42 -3.02 -3.78 -10.70
C HIS A 42 -1.87 -4.51 -9.99
N ILE A 43 -0.69 -3.88 -9.97
CA ILE A 43 0.46 -4.40 -9.26
C ILE A 43 0.92 -3.31 -8.28
N ASP A 44 1.11 -3.69 -7.00
CA ASP A 44 1.61 -2.80 -5.97
C ASP A 44 3.11 -3.04 -5.77
N CYS A 45 3.89 -1.99 -5.95
CA CYS A 45 5.34 -2.03 -5.98
C CYS A 45 5.94 -1.03 -4.99
N ALA A 46 7.24 -1.13 -4.77
CA ALA A 46 7.95 -0.07 -4.07
C ALA A 46 9.44 -0.21 -4.31
N HIS A 47 10.16 0.92 -4.39
CA HIS A 47 11.60 0.88 -4.52
C HIS A 47 12.25 0.11 -3.36
N VAL A 48 11.75 0.31 -2.14
CA VAL A 48 12.37 -0.31 -0.97
C VAL A 48 12.25 -1.82 -1.01
N TYR A 49 11.33 -2.39 -1.81
CA TYR A 49 11.17 -3.83 -1.91
C TYR A 49 12.33 -4.51 -2.66
N GLN A 50 13.10 -3.72 -3.41
CA GLN A 50 14.33 -4.19 -4.07
C GLN A 50 14.06 -5.17 -5.19
N ASN A 51 12.88 -5.18 -5.76
CA ASN A 51 12.53 -6.12 -6.82
C ASN A 51 11.77 -5.46 -7.97
N GLU A 52 11.81 -4.14 -8.08
CA GLU A 52 11.09 -3.47 -9.16
C GLU A 52 11.65 -3.84 -10.53
N ASN A 53 12.96 -4.06 -10.67
CA ASN A 53 13.48 -4.43 -11.99
C ASN A 53 12.80 -5.69 -12.49
N GLU A 54 12.69 -6.68 -11.60
CA GLU A 54 12.13 -7.99 -11.94
C GLU A 54 10.62 -7.92 -12.14
N VAL A 55 9.91 -7.10 -11.35
CA VAL A 55 8.50 -6.83 -11.64
C VAL A 55 8.38 -6.26 -13.04
N GLY A 56 9.23 -5.29 -13.36
CA GLY A 56 9.19 -4.62 -14.65
C GLY A 56 9.43 -5.57 -15.81
N VAL A 57 10.31 -6.56 -15.66
CA VAL A 57 10.53 -7.52 -16.74
C VAL A 57 9.21 -8.20 -17.09
N ALA A 58 8.42 -8.57 -16.08
CA ALA A 58 7.14 -9.22 -16.32
C ALA A 58 6.15 -8.29 -17.00
N ILE A 59 6.01 -7.07 -16.50
CA ILE A 59 5.09 -6.09 -17.11
C ILE A 59 5.45 -5.91 -18.57
N GLN A 60 6.72 -5.67 -18.84
CA GLN A 60 7.16 -5.40 -20.21
C GLN A 60 6.91 -6.58 -21.12
N GLU A 61 7.16 -7.80 -20.64
CA GLU A 61 6.91 -8.96 -21.46
CA GLU A 61 6.91 -8.96 -21.48
C GLU A 61 5.44 -9.09 -21.80
N LYS A 62 4.56 -8.87 -20.83
CA LYS A 62 3.13 -8.99 -21.10
C LYS A 62 2.61 -7.91 -22.02
N LEU A 63 3.19 -6.70 -21.92
CA LEU A 63 2.87 -5.64 -22.88
C LEU A 63 3.38 -6.02 -24.28
N ARG A 64 4.61 -6.54 -24.37
CA ARG A 64 5.17 -6.96 -25.64
C ARG A 64 4.36 -8.06 -26.31
N GLU A 65 3.93 -9.04 -25.50
CA GLU A 65 3.11 -10.16 -25.94
C GLU A 65 1.70 -9.71 -26.29
N GLN A 66 1.29 -8.48 -25.95
CA GLN A 66 -0.06 -7.98 -26.18
C GLN A 66 -1.09 -8.82 -25.44
N VAL A 67 -0.71 -9.30 -24.26
CA VAL A 67 -1.68 -9.87 -23.33
C VAL A 67 -2.58 -8.79 -22.80
N VAL A 68 -2.00 -7.61 -22.59
CA VAL A 68 -2.69 -6.44 -22.06
CA VAL A 68 -2.68 -6.45 -22.05
C VAL A 68 -2.12 -5.21 -22.74
N LYS A 69 -2.87 -4.12 -22.75
CA LYS A 69 -2.40 -2.81 -23.15
C LYS A 69 -1.97 -2.01 -21.92
N ARG A 70 -1.07 -1.06 -22.11
CA ARG A 70 -0.61 -0.25 -20.98
C ARG A 70 -1.76 0.44 -20.30
N GLU A 71 -2.74 0.96 -21.05
CA GLU A 71 -3.85 1.68 -20.46
C GLU A 71 -4.71 0.79 -19.57
N GLU A 72 -4.65 -0.52 -19.74
CA GLU A 72 -5.42 -1.48 -18.96
CA GLU A 72 -5.47 -1.39 -18.90
C GLU A 72 -4.72 -1.83 -17.65
N LEU A 73 -3.46 -1.50 -17.50
CA LEU A 73 -2.71 -1.79 -16.27
C LEU A 73 -2.75 -0.57 -15.35
N PHE A 74 -2.67 -0.87 -14.06
CA PHE A 74 -2.66 0.14 -13.01
C PHE A 74 -1.47 -0.20 -12.10
N ILE A 75 -0.36 0.52 -12.34
CA ILE A 75 0.89 0.21 -11.65
C ILE A 75 1.14 1.29 -10.59
N VAL A 76 1.37 0.82 -9.36
CA VAL A 76 1.54 1.66 -8.18
C VAL A 76 2.97 1.48 -7.67
N SER A 77 3.63 2.59 -7.32
CA SER A 77 4.85 2.48 -6.53
C SER A 77 4.85 3.58 -5.49
N LYS A 78 5.95 3.63 -4.73
CA LYS A 78 6.01 4.44 -3.50
C LYS A 78 7.40 5.06 -3.37
N LEU A 79 7.40 6.30 -2.92
CA LEU A 79 8.59 7.11 -2.62
C LEU A 79 9.12 6.70 -1.25
N TRP A 80 10.36 6.19 -1.18
CA TRP A 80 10.90 5.77 0.10
C TRP A 80 11.29 6.98 0.97
N CYS A 81 11.42 6.72 2.28
CA CYS A 81 11.61 7.70 3.31
C CYS A 81 12.91 8.50 3.18
N THR A 82 13.93 7.93 2.54
CA THR A 82 15.21 8.61 2.34
C THR A 82 15.19 9.55 1.13
N TYR A 83 14.03 9.74 0.50
CA TYR A 83 13.89 10.60 -0.67
C TYR A 83 12.86 11.70 -0.45
N HIS A 84 12.56 12.08 0.80
N HIS A 84 12.57 12.05 0.81
CA HIS A 84 11.52 13.09 1.01
CA HIS A 84 11.75 13.20 1.15
C HIS A 84 11.89 14.51 0.63
C HIS A 84 12.57 14.50 1.07
N GLU A 85 13.06 14.84 0.26
N GLU A 85 13.03 14.84 -0.12
CA GLU A 85 13.72 16.06 -0.14
CA GLU A 85 13.75 16.11 -0.27
C GLU A 85 13.19 16.57 -1.48
C GLU A 85 13.40 16.60 -1.67
N LYS A 86 13.01 17.86 -1.74
CA LYS A 86 12.65 18.48 -3.01
C LYS A 86 13.48 18.00 -4.19
N GLY A 87 14.79 17.99 -4.01
CA GLY A 87 15.72 17.70 -5.06
C GLY A 87 15.91 16.23 -5.34
N LEU A 88 15.28 15.33 -4.54
CA LEU A 88 15.45 13.90 -4.72
C LEU A 88 14.20 13.20 -5.24
N VAL A 89 13.02 13.82 -5.14
CA VAL A 89 11.76 13.12 -5.45
C VAL A 89 11.71 12.71 -6.91
N LYS A 90 12.04 13.62 -7.83
CA LYS A 90 11.93 13.28 -9.25
C LYS A 90 12.84 12.11 -9.60
N GLY A 91 14.09 12.15 -9.12
CA GLY A 91 15.01 11.05 -9.44
C GLY A 91 14.57 9.72 -8.87
N ALA A 92 13.97 9.77 -7.67
CA ALA A 92 13.45 8.53 -7.08
C ALA A 92 12.34 7.95 -7.94
N CYS A 93 11.43 8.84 -8.38
CA CYS A 93 10.34 8.39 -9.23
C CYS A 93 10.89 7.84 -10.55
N GLN A 94 11.85 8.54 -11.14
CA GLN A 94 12.42 8.12 -12.42
CA GLN A 94 12.44 8.13 -12.40
C GLN A 94 13.18 6.79 -12.32
N LYS A 95 13.84 6.54 -11.18
CA LYS A 95 14.51 5.25 -11.00
C LYS A 95 13.47 4.11 -10.98
N THR A 96 12.37 4.35 -10.24
CA THR A 96 11.26 3.38 -10.24
C THR A 96 10.71 3.20 -11.65
N LEU A 97 10.48 4.29 -12.39
CA LEU A 97 9.96 4.16 -13.74
C LEU A 97 10.92 3.35 -14.62
N SER A 98 12.20 3.64 -14.54
CA SER A 98 13.20 2.93 -15.33
CA SER A 98 13.19 2.94 -15.35
C SER A 98 13.22 1.44 -15.00
N ASP A 99 13.18 1.13 -13.70
CA ASP A 99 13.15 -0.26 -13.27
C ASP A 99 11.90 -1.00 -13.70
N LEU A 100 10.74 -0.35 -13.59
CA LEU A 100 9.49 -0.96 -13.98
C LEU A 100 9.27 -0.97 -15.51
N LYS A 101 10.14 -0.34 -16.26
CA LYS A 101 10.04 -0.30 -17.72
C LYS A 101 8.80 0.50 -18.13
N LEU A 102 8.50 1.57 -17.43
CA LEU A 102 7.34 2.39 -17.68
C LEU A 102 7.70 3.82 -18.01
N ASP A 103 6.80 4.51 -18.71
CA ASP A 103 6.97 5.96 -18.86
CA ASP A 103 6.85 5.94 -18.97
C ASP A 103 6.04 6.77 -17.97
N TYR A 104 5.13 6.12 -17.24
CA TYR A 104 4.38 6.78 -16.20
C TYR A 104 3.94 5.71 -15.21
N LEU A 105 3.64 6.17 -13.98
CA LEU A 105 2.95 5.36 -12.99
C LEU A 105 1.50 5.77 -12.93
N ASP A 106 0.61 4.81 -12.67
CA ASP A 106 -0.79 5.17 -12.42
C ASP A 106 -0.98 5.86 -11.08
N LEU A 107 -0.17 5.47 -10.10
CA LEU A 107 -0.30 6.03 -8.75
C LEU A 107 1.07 5.95 -8.10
N TYR A 108 1.48 7.07 -7.47
CA TYR A 108 2.73 7.14 -6.73
C TYR A 108 2.41 7.63 -5.32
N LEU A 109 2.83 6.87 -4.31
CA LEU A 109 2.49 7.14 -2.93
C LEU A 109 3.69 7.61 -2.13
N ILE A 110 3.47 8.53 -1.18
CA ILE A 110 4.46 8.71 -0.11
C ILE A 110 4.38 7.49 0.79
N HIS A 111 5.46 6.67 0.84
CA HIS A 111 5.35 5.34 1.44
C HIS A 111 5.02 5.40 2.93
N TRP A 112 5.67 6.32 3.64
CA TRP A 112 5.41 6.58 5.06
C TRP A 112 5.47 8.10 5.25
N PRO A 113 4.74 8.65 6.23
N PRO A 113 4.83 8.61 6.30
CA PRO A 113 4.75 10.10 6.45
CA PRO A 113 4.89 10.05 6.61
C PRO A 113 5.99 10.62 7.13
C PRO A 113 6.23 10.54 7.13
N VAL A 114 7.16 10.04 6.82
N VAL A 114 7.10 9.68 7.59
CA VAL A 114 8.34 10.05 7.65
CA VAL A 114 8.42 10.02 8.10
C VAL A 114 9.55 10.17 6.74
C VAL A 114 9.49 10.17 7.02
N GLY A 115 10.31 11.24 6.97
CA GLY A 115 11.51 11.42 6.19
C GLY A 115 12.75 11.01 6.97
N PHE A 116 13.67 10.33 6.30
CA PHE A 116 14.96 9.91 6.85
C PHE A 116 16.09 10.63 6.13
N LYS A 117 17.25 10.69 6.79
CA LYS A 117 18.45 11.20 6.15
C LYS A 117 18.72 10.51 4.81
N PRO A 118 18.94 11.27 3.75
CA PRO A 118 19.27 10.66 2.45
CA PRO A 118 19.26 10.64 2.46
C PRO A 118 20.62 9.95 2.48
N GLY A 119 20.77 8.96 1.61
CA GLY A 119 21.98 8.21 1.50
C GLY A 119 21.70 6.81 1.01
N LYS A 120 22.70 5.96 1.04
CA LYS A 120 22.58 4.63 0.49
C LYS A 120 21.66 3.73 1.34
N GLU A 121 21.71 3.91 2.66
CA GLU A 121 20.96 3.07 3.58
CA GLU A 121 20.95 3.07 3.58
C GLU A 121 19.49 3.48 3.62
N PHE A 122 18.61 2.48 3.51
CA PHE A 122 17.18 2.74 3.61
C PHE A 122 16.71 3.09 5.02
N PHE A 123 17.44 2.65 6.04
CA PHE A 123 17.17 2.95 7.43
C PHE A 123 18.45 3.47 8.08
N PRO A 124 18.82 4.73 7.82
CA PRO A 124 20.06 5.24 8.41
C PRO A 124 19.88 5.35 9.92
N LEU A 125 20.82 4.81 10.69
CA LEU A 125 20.69 4.79 12.14
C LEU A 125 21.79 5.61 12.80
N ASP A 126 21.47 6.14 13.97
CA ASP A 126 22.52 6.69 14.83
C ASP A 126 23.14 5.56 15.62
N GLU A 127 24.17 5.86 16.43
CA GLU A 127 24.96 4.79 17.03
C GLU A 127 24.15 4.09 18.12
N SER A 128 22.99 4.62 18.49
CA SER A 128 22.11 3.95 19.43
C SER A 128 20.89 3.31 18.81
N GLY A 129 20.78 3.23 17.49
CA GLY A 129 19.74 2.49 16.79
C GLY A 129 18.48 3.25 16.43
N ASN A 130 18.43 4.56 16.69
CA ASN A 130 17.31 5.38 16.26
C ASN A 130 17.48 5.77 14.80
N VAL A 131 16.39 5.81 14.06
CA VAL A 131 16.49 6.28 12.69
C VAL A 131 16.88 7.76 12.71
N VAL A 132 17.71 8.14 11.77
CA VAL A 132 18.11 9.53 11.62
C VAL A 132 17.10 10.27 10.74
N PRO A 133 16.38 11.24 11.31
CA PRO A 133 15.37 11.94 10.50
C PRO A 133 15.95 12.89 9.46
N SER A 134 15.09 13.22 8.51
N SER A 134 15.14 13.22 8.46
CA SER A 134 15.11 14.43 7.70
CA SER A 134 15.47 14.44 7.73
C SER A 134 14.26 15.53 8.32
C SER A 134 14.50 15.53 8.18
N ASP A 135 14.68 16.78 8.23
N ASP A 135 14.86 16.77 7.90
CA ASP A 135 13.84 17.92 8.60
CA ASP A 135 14.12 17.94 8.34
C ASP A 135 12.76 18.28 7.60
C ASP A 135 12.92 18.24 7.47
N THR A 136 12.37 17.43 6.71
N THR A 136 12.79 17.59 6.33
CA THR A 136 11.63 17.82 5.50
CA THR A 136 11.84 18.07 5.33
C THR A 136 10.23 17.33 5.86
C THR A 136 10.43 17.89 5.88
N ASN A 137 9.24 18.17 5.90
N ASN A 137 9.60 18.92 5.75
CA ASN A 137 7.90 17.79 6.37
CA ASN A 137 8.24 18.66 6.24
C ASN A 137 7.06 17.20 5.26
C ASN A 137 7.40 18.03 5.15
N ILE A 138 5.87 16.69 5.64
N ILE A 138 6.43 17.23 5.60
CA ILE A 138 5.01 16.02 4.68
CA ILE A 138 5.69 16.37 4.69
C ILE A 138 4.37 17.01 3.70
C ILE A 138 4.81 17.13 3.72
N LEU A 139 4.28 18.29 4.06
CA LEU A 139 3.71 19.24 3.12
C LEU A 139 4.64 19.56 1.95
N ASP A 140 5.93 19.77 2.27
CA ASP A 140 6.93 20.00 1.23
CA ASP A 140 6.86 20.02 1.18
C ASP A 140 7.09 18.75 0.36
N THR A 141 7.05 17.59 1.00
CA THR A 141 7.13 16.36 0.20
C THR A 141 5.90 16.26 -0.72
N TRP A 142 4.72 16.62 -0.22
CA TRP A 142 3.53 16.61 -1.06
C TRP A 142 3.66 17.55 -2.25
N ALA A 143 4.18 18.76 -2.05
CA ALA A 143 4.39 19.67 -3.18
C ALA A 143 5.27 19.03 -4.25
N ALA A 144 6.29 18.30 -3.84
CA ALA A 144 7.16 17.61 -4.78
C ALA A 144 6.41 16.50 -5.53
N MET A 145 5.49 15.81 -4.85
CA MET A 145 4.64 14.82 -5.49
C MET A 145 3.72 15.50 -6.55
N GLU A 146 3.17 16.66 -6.20
CA GLU A 146 2.32 17.39 -7.15
C GLU A 146 3.07 17.73 -8.43
N GLU A 147 4.36 18.07 -8.30
CA GLU A 147 5.16 18.37 -9.47
CA GLU A 147 5.15 18.37 -9.48
C GLU A 147 5.25 17.18 -10.42
N LEU A 148 5.29 15.95 -9.87
CA LEU A 148 5.36 14.76 -10.72
C LEU A 148 4.12 14.63 -11.60
N VAL A 149 2.96 14.96 -11.08
CA VAL A 149 1.73 14.97 -11.88
C VAL A 149 1.89 15.98 -13.02
N ASP A 150 2.38 17.18 -12.68
CA ASP A 150 2.50 18.23 -13.66
C ASP A 150 3.62 18.02 -14.67
N GLU A 151 4.50 17.06 -14.47
CA GLU A 151 5.52 16.67 -15.41
C GLU A 151 5.16 15.42 -16.20
N GLY A 152 4.01 14.81 -15.93
CA GLY A 152 3.60 13.65 -16.68
C GLY A 152 4.18 12.34 -16.24
N LEU A 153 4.90 12.31 -15.11
CA LEU A 153 5.53 11.07 -14.68
CA LEU A 153 5.52 11.09 -14.65
C LEU A 153 4.53 10.14 -13.98
N VAL A 154 3.49 10.71 -13.37
CA VAL A 154 2.51 9.93 -12.62
C VAL A 154 1.14 10.49 -12.92
N LYS A 155 0.13 9.61 -12.97
CA LYS A 155 -1.26 10.03 -13.21
C LYS A 155 -2.00 10.43 -11.95
N ALA A 156 -1.60 9.85 -10.82
CA ALA A 156 -2.22 10.12 -9.53
C ALA A 156 -1.13 10.05 -8.46
N ILE A 157 -1.35 10.80 -7.39
CA ILE A 157 -0.51 10.76 -6.22
C ILE A 157 -1.34 10.46 -4.99
N GLY A 158 -0.71 9.84 -4.01
CA GLY A 158 -1.36 9.54 -2.76
C GLY A 158 -0.37 9.30 -1.64
N ILE A 159 -0.88 8.75 -0.55
CA ILE A 159 -0.18 8.63 0.71
C ILE A 159 -0.35 7.21 1.24
N SER A 160 0.50 6.86 2.21
CA SER A 160 0.43 5.52 2.80
C SER A 160 0.89 5.62 4.23
N ASN A 161 0.15 4.94 5.13
CA ASN A 161 0.45 4.95 6.55
C ASN A 161 0.28 6.32 7.17
N PHE A 162 -0.57 7.17 6.57
CA PHE A 162 -0.86 8.47 7.16
C PHE A 162 -2.04 8.31 8.13
N ASN A 163 -1.86 8.84 9.34
CA ASN A 163 -2.94 8.83 10.31
C ASN A 163 -3.91 9.95 9.99
N HIS A 164 -4.99 10.00 10.77
CA HIS A 164 -6.04 10.95 10.55
CA HIS A 164 -6.08 10.93 10.33
C HIS A 164 -5.56 12.38 10.48
N LEU A 165 -4.77 12.73 11.49
CA LEU A 165 -4.25 14.10 11.55
C LEU A 165 -3.32 14.42 10.39
N GLN A 166 -2.56 13.44 9.92
CA GLN A 166 -1.66 13.63 8.79
C GLN A 166 -2.40 13.78 7.46
N VAL A 167 -3.45 12.99 7.29
CA VAL A 167 -4.32 13.17 6.13
C VAL A 167 -4.92 14.57 6.14
N GLU A 168 -5.42 14.98 7.30
CA GLU A 168 -5.99 16.31 7.48
CA GLU A 168 -5.99 16.31 7.45
C GLU A 168 -4.94 17.39 7.16
N MET A 169 -3.71 17.20 7.59
CA MET A 169 -2.64 18.17 7.30
CA MET A 169 -2.64 18.16 7.30
C MET A 169 -2.49 18.37 5.80
N ILE A 170 -2.48 17.27 5.04
CA ILE A 170 -2.41 17.36 3.57
CA ILE A 170 -2.36 17.53 3.60
C ILE A 170 -3.64 18.11 3.03
N LEU A 171 -4.82 17.69 3.48
CA LEU A 171 -6.04 18.33 2.94
C LEU A 171 -6.09 19.82 3.24
N ASN A 172 -5.51 20.22 4.36
CA ASN A 172 -5.50 21.60 4.80
C ASN A 172 -4.24 22.34 4.34
N LYS A 173 -3.41 21.73 3.50
CA LYS A 173 -2.18 22.37 3.04
C LYS A 173 -2.47 23.70 2.35
N PRO A 174 -1.81 24.79 2.76
CA PRO A 174 -1.98 26.03 1.97
C PRO A 174 -1.57 25.81 0.53
N GLY A 175 -2.45 26.26 -0.38
CA GLY A 175 -2.13 26.15 -1.79
C GLY A 175 -2.20 24.74 -2.34
N LEU A 176 -2.84 23.81 -1.66
CA LEU A 176 -2.97 22.43 -2.14
C LEU A 176 -3.46 22.40 -3.59
N LYS A 177 -2.73 21.68 -4.43
CA LYS A 177 -3.05 21.61 -5.85
C LYS A 177 -3.81 20.34 -6.22
N TYR A 178 -3.33 19.20 -5.73
CA TYR A 178 -4.01 17.93 -5.95
C TYR A 178 -4.23 17.24 -4.60
N LYS A 179 -5.46 16.83 -4.35
CA LYS A 179 -5.75 16.03 -3.18
C LYS A 179 -5.11 14.65 -3.34
N PRO A 180 -4.77 13.98 -2.25
CA PRO A 180 -4.34 12.58 -2.38
CA PRO A 180 -4.37 12.57 -2.33
C PRO A 180 -5.51 11.76 -2.92
N ALA A 181 -5.17 10.84 -3.84
CA ALA A 181 -6.18 9.97 -4.41
C ALA A 181 -6.48 8.75 -3.53
N VAL A 182 -5.45 8.30 -2.83
CA VAL A 182 -5.45 7.04 -2.08
C VAL A 182 -4.69 7.26 -0.77
N ASN A 183 -5.13 6.57 0.28
CA ASN A 183 -4.32 6.30 1.48
C ASN A 183 -4.25 4.79 1.63
N GLN A 184 -3.03 4.24 1.49
CA GLN A 184 -2.81 2.81 1.60
C GLN A 184 -2.38 2.48 3.04
N ILE A 185 -3.18 1.68 3.72
CA ILE A 185 -2.98 1.41 5.16
C ILE A 185 -3.17 -0.08 5.41
N GLU A 186 -2.61 -0.53 6.53
CA GLU A 186 -2.82 -1.91 6.94
C GLU A 186 -4.29 -2.10 7.33
N CYS A 187 -4.93 -3.19 6.87
CA CYS A 187 -6.32 -3.38 7.25
C CYS A 187 -6.68 -4.85 7.05
N HIS A 188 -7.29 -5.44 8.07
CA HIS A 188 -7.70 -6.83 8.08
C HIS A 188 -8.59 -7.02 9.30
N PRO A 189 -9.15 -8.22 9.53
CA PRO A 189 -10.06 -8.37 10.69
C PRO A 189 -9.46 -8.10 12.05
N TYR A 190 -8.13 -8.14 12.20
CA TYR A 190 -7.53 -7.81 13.49
C TYR A 190 -7.17 -6.33 13.64
N LEU A 191 -7.29 -5.56 12.59
CA LEU A 191 -7.00 -4.12 12.54
C LEU A 191 -7.96 -3.51 11.53
N THR A 192 -9.19 -3.29 12.01
CA THR A 192 -10.29 -3.01 11.10
C THR A 192 -10.35 -1.57 10.63
N GLN A 193 -9.77 -0.63 11.36
CA GLN A 193 -9.57 0.71 10.83
C GLN A 193 -10.84 1.51 10.58
N GLU A 194 -11.91 1.25 11.34
CA GLU A 194 -13.16 1.93 11.02
CA GLU A 194 -13.17 1.92 11.02
C GLU A 194 -13.04 3.45 11.03
N LYS A 195 -12.36 4.01 12.02
CA LYS A 195 -12.29 5.47 12.12
C LYS A 195 -11.54 6.08 10.95
N LEU A 196 -10.34 5.55 10.66
CA LEU A 196 -9.54 6.17 9.58
C LEU A 196 -10.19 5.97 8.23
N ILE A 197 -10.78 4.79 8.00
CA ILE A 197 -11.46 4.53 6.74
C ILE A 197 -12.61 5.50 6.55
N GLN A 198 -13.45 5.65 7.59
CA GLN A 198 -14.57 6.57 7.42
CA GLN A 198 -14.59 6.57 7.37
C GLN A 198 -14.09 7.99 7.13
N TYR A 199 -13.05 8.44 7.81
CA TYR A 199 -12.54 9.78 7.55
C TYR A 199 -12.11 9.92 6.10
N CYS A 200 -11.26 9.00 5.64
CA CYS A 200 -10.73 9.11 4.28
C CYS A 200 -11.86 9.02 3.26
N GLN A 201 -12.78 8.07 3.42
CA GLN A 201 -13.86 7.92 2.45
C GLN A 201 -14.73 9.18 2.42
N SER A 202 -14.95 9.80 3.57
CA SER A 202 -15.76 11.01 3.63
C SER A 202 -15.14 12.18 2.87
N LYS A 203 -13.84 12.13 2.64
CA LYS A 203 -13.08 13.15 1.92
C LYS A 203 -12.82 12.74 0.48
N GLY A 204 -13.37 11.62 0.03
CA GLY A 204 -13.22 11.14 -1.33
C GLY A 204 -11.87 10.50 -1.63
N ILE A 205 -11.15 10.13 -0.59
CA ILE A 205 -9.88 9.42 -0.71
C ILE A 205 -10.19 7.92 -0.67
N VAL A 206 -9.72 7.19 -1.65
CA VAL A 206 -9.89 5.74 -1.67
C VAL A 206 -8.85 5.08 -0.77
N VAL A 207 -9.28 4.11 0.01
CA VAL A 207 -8.39 3.39 0.91
C VAL A 207 -8.01 2.06 0.26
N THR A 208 -6.70 1.78 0.26
CA THR A 208 -6.18 0.45 -0.08
C THR A 208 -5.74 -0.26 1.19
N ALA A 209 -6.20 -1.49 1.35
CA ALA A 209 -5.86 -2.37 2.46
C ALA A 209 -4.65 -3.22 2.10
N TYR A 210 -3.57 -3.03 2.87
CA TYR A 210 -2.40 -3.87 2.76
C TYR A 210 -2.39 -4.92 3.88
N SER A 211 -1.53 -5.92 3.70
CA SER A 211 -1.43 -7.08 4.58
C SER A 211 -2.81 -7.69 4.88
N PRO A 212 -3.66 -7.91 3.87
CA PRO A 212 -5.03 -8.36 4.16
C PRO A 212 -5.11 -9.76 4.72
N LEU A 213 -4.04 -10.57 4.52
CA LEU A 213 -3.97 -11.92 5.05
C LEU A 213 -3.18 -11.96 6.36
N GLY A 214 -2.80 -10.81 6.88
CA GLY A 214 -1.99 -10.73 8.07
C GLY A 214 -0.52 -11.00 7.84
N SER A 215 -0.04 -10.89 6.60
CA SER A 215 1.39 -10.98 6.31
C SER A 215 2.09 -12.14 7.02
N PRO A 216 1.68 -13.37 6.80
CA PRO A 216 2.33 -14.49 7.51
C PRO A 216 3.82 -14.62 7.26
N ASP A 217 4.33 -14.08 6.18
CA ASP A 217 5.75 -14.09 5.84
C ASP A 217 6.50 -12.86 6.31
N ARG A 218 5.87 -11.96 7.07
CA ARG A 218 6.61 -10.79 7.58
C ARG A 218 7.85 -11.24 8.34
N PRO A 219 9.00 -10.59 8.19
CA PRO A 219 10.24 -11.18 8.72
C PRO A 219 10.33 -11.12 10.24
N TRP A 220 9.51 -10.33 10.90
CA TRP A 220 9.50 -10.15 12.34
C TRP A 220 8.38 -10.94 13.02
N ALA A 221 7.74 -11.89 12.32
CA ALA A 221 6.68 -12.69 12.92
C ALA A 221 7.18 -13.47 14.10
N LYS A 222 6.35 -13.56 15.13
CA LYS A 222 6.67 -14.38 16.29
C LYS A 222 5.63 -15.48 16.39
N PRO A 223 6.01 -16.58 17.02
CA PRO A 223 5.11 -17.74 17.11
C PRO A 223 3.79 -17.44 17.80
N GLU A 224 3.79 -16.54 18.78
CA GLU A 224 2.62 -16.22 19.59
C GLU A 224 1.57 -15.35 18.94
N ASP A 225 1.89 -14.77 17.79
CA ASP A 225 1.09 -13.74 17.16
C ASP A 225 -0.24 -14.32 16.69
N PRO A 226 -1.33 -13.58 16.63
CA PRO A 226 -2.55 -14.20 16.06
C PRO A 226 -2.38 -14.43 14.56
N SER A 227 -3.13 -15.39 14.04
CA SER A 227 -3.05 -15.85 12.65
C SER A 227 -4.41 -15.80 12.01
N LEU A 228 -4.65 -14.85 11.12
CA LEU A 228 -5.92 -14.77 10.43
C LEU A 228 -6.24 -16.03 9.65
N LEU A 229 -5.22 -16.49 8.91
CA LEU A 229 -5.50 -17.61 8.02
C LEU A 229 -5.89 -18.84 8.79
N GLU A 230 -5.48 -18.97 10.05
CA GLU A 230 -5.75 -20.14 10.88
C GLU A 230 -6.88 -19.89 11.87
N ASP A 231 -7.53 -18.74 11.86
CA ASP A 231 -8.55 -18.41 12.87
C ASP A 231 -9.79 -19.25 12.59
N PRO A 232 -10.19 -20.04 13.59
N PRO A 232 -10.23 -20.20 13.42
CA PRO A 232 -11.39 -20.85 13.44
CA PRO A 232 -11.27 -21.17 13.00
C PRO A 232 -12.65 -20.06 13.13
C PRO A 232 -12.59 -20.49 12.68
N ARG A 233 -12.76 -18.83 13.64
N ARG A 233 -12.80 -19.31 13.25
CA ARG A 233 -13.97 -18.06 13.37
CA ARG A 233 -14.04 -18.59 13.03
C ARG A 233 -14.05 -17.67 11.90
C ARG A 233 -14.10 -18.06 11.60
N ILE A 234 -12.95 -17.49 11.17
CA ILE A 234 -12.88 -17.07 9.77
C ILE A 234 -12.97 -18.28 8.86
N LYS A 235 -12.32 -19.37 9.23
CA LYS A 235 -12.44 -20.60 8.49
C LYS A 235 -13.90 -21.03 8.40
N ALA A 236 -14.68 -20.82 9.45
CA ALA A 236 -16.08 -21.22 9.44
C ALA A 236 -16.90 -20.41 8.43
N ILE A 237 -16.61 -19.10 8.36
CA ILE A 237 -17.30 -18.28 7.34
C ILE A 237 -16.93 -18.73 5.95
N ALA A 238 -15.64 -19.01 5.74
CA ALA A 238 -15.19 -19.54 4.47
C ALA A 238 -15.89 -20.83 4.09
N ALA A 239 -15.96 -21.79 5.03
CA ALA A 239 -16.58 -23.07 4.76
C ALA A 239 -18.04 -22.87 4.36
N LYS A 240 -18.74 -21.96 5.03
CA LYS A 240 -20.15 -21.71 4.74
CA LYS A 240 -20.15 -21.73 4.73
C LYS A 240 -20.35 -21.28 3.29
N HIS A 241 -19.39 -20.52 2.78
CA HIS A 241 -19.44 -19.98 1.43
C HIS A 241 -18.71 -20.86 0.42
N ASN A 242 -18.17 -22.00 0.84
CA ASN A 242 -17.39 -22.87 -0.04
C ASN A 242 -16.24 -22.13 -0.71
N LYS A 243 -15.53 -21.32 0.09
CA LYS A 243 -14.37 -20.55 -0.37
C LYS A 243 -13.23 -20.80 0.62
N THR A 244 -12.02 -20.38 0.28
CA THR A 244 -10.91 -20.48 1.19
C THR A 244 -10.94 -19.31 2.17
N THR A 245 -10.19 -19.47 3.27
CA THR A 245 -10.07 -18.40 4.24
C THR A 245 -9.45 -17.16 3.57
N ALA A 246 -8.43 -17.36 2.74
CA ALA A 246 -7.82 -16.24 2.04
C ALA A 246 -8.85 -15.52 1.18
N GLN A 247 -9.70 -16.27 0.48
CA GLN A 247 -10.72 -15.62 -0.35
C GLN A 247 -11.70 -14.78 0.47
N VAL A 248 -12.09 -15.25 1.65
CA VAL A 248 -12.91 -14.44 2.55
C VAL A 248 -12.15 -13.16 2.96
N LEU A 249 -10.88 -13.32 3.32
CA LEU A 249 -10.07 -12.19 3.77
C LEU A 249 -9.87 -11.13 2.66
N ILE A 250 -9.90 -11.56 1.41
CA ILE A 250 -9.79 -10.64 0.28
C ILE A 250 -11.14 -9.99 -0.04
N ARG A 251 -12.22 -10.78 -0.01
CA ARG A 251 -13.54 -10.23 -0.30
C ARG A 251 -13.99 -9.21 0.76
N PHE A 252 -13.60 -9.43 2.01
CA PHE A 252 -13.96 -8.55 3.13
C PHE A 252 -13.68 -7.08 2.83
N PRO A 253 -12.45 -6.67 2.54
CA PRO A 253 -12.19 -5.26 2.25
C PRO A 253 -12.92 -4.80 0.98
N MET A 254 -13.04 -5.68 -0.02
CA MET A 254 -13.74 -5.26 -1.24
C MET A 254 -15.14 -4.77 -0.92
N GLN A 255 -15.85 -5.44 0.00
CA GLN A 255 -17.22 -5.04 0.34
C GLN A 255 -17.27 -3.82 1.24
N ARG A 256 -16.16 -3.31 1.71
CA ARG A 256 -16.04 -2.05 2.43
C ARG A 256 -15.67 -0.89 1.50
N ASN A 257 -15.70 -1.13 0.19
CA ASN A 257 -15.28 -0.15 -0.81
C ASN A 257 -13.79 0.14 -0.75
N LEU A 258 -13.01 -0.84 -0.32
CA LEU A 258 -11.55 -0.71 -0.31
C LEU A 258 -10.98 -1.43 -1.53
N VAL A 259 -9.78 -1.00 -1.88
CA VAL A 259 -8.89 -1.75 -2.76
C VAL A 259 -8.06 -2.69 -1.90
N VAL A 260 -7.68 -3.86 -2.39
CA VAL A 260 -6.95 -4.84 -1.59
C VAL A 260 -5.84 -5.46 -2.44
N ILE A 261 -4.68 -5.71 -1.81
CA ILE A 261 -3.47 -6.08 -2.55
C ILE A 261 -2.75 -7.28 -1.93
N PRO A 262 -3.42 -8.45 -1.89
CA PRO A 262 -2.74 -9.64 -1.36
C PRO A 262 -1.48 -9.98 -2.16
N LYS A 263 -0.45 -10.40 -1.44
CA LYS A 263 0.81 -10.85 -2.05
C LYS A 263 0.85 -12.36 -2.13
N SER A 264 1.31 -12.86 -3.27
CA SER A 264 1.73 -14.25 -3.38
C SER A 264 2.74 -14.37 -4.51
N VAL A 265 3.65 -15.34 -4.35
CA VAL A 265 4.49 -15.82 -5.44
C VAL A 265 4.14 -17.26 -5.82
N THR A 266 3.06 -17.80 -5.27
CA THR A 266 2.66 -19.18 -5.57
C THR A 266 1.60 -19.14 -6.66
N PRO A 267 1.86 -19.70 -7.85
CA PRO A 267 0.88 -19.56 -8.93
C PRO A 267 -0.54 -19.97 -8.58
N GLU A 268 -0.71 -21.08 -7.86
CA GLU A 268 -2.07 -21.52 -7.57
CA GLU A 268 -2.04 -21.55 -7.49
C GLU A 268 -2.77 -20.53 -6.64
N ARG A 269 -2.02 -19.92 -5.70
CA ARG A 269 -2.61 -18.93 -4.79
C ARG A 269 -2.89 -17.61 -5.51
N ILE A 270 -2.01 -17.21 -6.41
CA ILE A 270 -2.28 -16.02 -7.22
C ILE A 270 -3.64 -16.16 -7.89
N ALA A 271 -3.87 -17.30 -8.52
CA ALA A 271 -5.15 -17.55 -9.17
C ALA A 271 -6.31 -17.64 -8.18
N GLU A 272 -6.13 -18.37 -7.07
CA GLU A 272 -7.12 -18.47 -5.99
CA GLU A 272 -7.26 -18.46 -6.14
C GLU A 272 -7.61 -17.10 -5.54
N ASN A 273 -6.61 -16.25 -5.27
CA ASN A 273 -6.86 -14.96 -4.66
C ASN A 273 -7.66 -14.03 -5.58
N PHE A 274 -7.64 -14.32 -6.90
CA PHE A 274 -8.39 -13.53 -7.86
C PHE A 274 -9.84 -13.96 -7.98
N LYS A 275 -10.16 -15.16 -7.51
CA LYS A 275 -11.48 -15.75 -7.68
C LYS A 275 -12.39 -15.34 -6.53
N VAL A 276 -12.64 -14.03 -6.47
CA VAL A 276 -13.35 -13.40 -5.37
C VAL A 276 -14.47 -12.50 -5.86
N PHE A 277 -14.83 -12.59 -7.15
CA PHE A 277 -15.85 -11.76 -7.73
C PHE A 277 -17.17 -12.51 -7.89
N ASP A 278 -17.28 -13.75 -7.41
CA ASP A 278 -18.42 -14.63 -7.65
C ASP A 278 -19.12 -15.08 -6.38
N PHE A 279 -18.88 -14.39 -5.27
CA PHE A 279 -19.62 -14.68 -4.05
C PHE A 279 -19.74 -13.40 -3.24
N GLU A 280 -20.64 -13.40 -2.27
CA GLU A 280 -20.90 -12.22 -1.43
C GLU A 280 -20.94 -12.65 0.02
N LEU A 281 -20.25 -11.90 0.85
CA LEU A 281 -20.41 -12.00 2.30
C LEU A 281 -21.69 -11.25 2.71
N SER A 282 -22.46 -11.82 3.62
CA SER A 282 -23.65 -11.11 4.10
C SER A 282 -23.24 -9.95 5.01
N SER A 283 -24.20 -9.07 5.29
CA SER A 283 -23.93 -8.00 6.26
CA SER A 283 -23.95 -8.00 6.25
C SER A 283 -23.54 -8.58 7.61
N GLN A 284 -24.20 -9.64 8.02
CA GLN A 284 -23.88 -10.31 9.28
C GLN A 284 -22.46 -10.88 9.25
N ASP A 285 -22.06 -11.46 8.13
CA ASP A 285 -20.66 -11.89 7.96
C ASP A 285 -19.69 -10.72 8.12
N MET A 286 -20.03 -9.60 7.48
CA MET A 286 -19.17 -8.42 7.53
C MET A 286 -19.02 -7.89 8.94
N THR A 287 -20.16 -7.77 9.65
CA THR A 287 -20.12 -7.28 11.03
C THR A 287 -19.39 -8.27 11.92
N THR A 288 -19.56 -9.56 11.68
CA THR A 288 -18.84 -10.57 12.45
C THR A 288 -17.34 -10.47 12.23
N LEU A 289 -16.90 -10.33 10.98
CA LEU A 289 -15.46 -10.14 10.74
C LEU A 289 -14.96 -8.87 11.38
N LEU A 290 -15.72 -7.78 11.33
CA LEU A 290 -15.31 -6.54 11.97
C LEU A 290 -15.13 -6.73 13.47
N SER A 291 -15.90 -7.64 14.05
CA SER A 291 -15.89 -7.82 15.49
C SER A 291 -14.58 -8.42 15.97
N TYR A 292 -13.75 -8.94 15.07
CA TYR A 292 -12.50 -9.56 15.44
C TYR A 292 -11.37 -8.56 15.67
N ASN A 293 -11.65 -7.27 15.52
CA ASN A 293 -10.62 -6.26 15.66
C ASN A 293 -9.93 -6.38 17.03
N ARG A 294 -8.60 -6.29 16.99
CA ARG A 294 -7.92 -6.12 18.29
CA ARG A 294 -7.77 -6.30 18.19
C ARG A 294 -6.74 -5.17 18.17
N ASN A 295 -6.79 -4.27 17.20
CA ASN A 295 -5.75 -3.25 17.05
C ASN A 295 -4.37 -3.88 16.94
N TRP A 296 -4.28 -5.00 16.25
CA TRP A 296 -2.99 -5.68 16.06
CA TRP A 296 -3.13 -5.81 16.02
C TRP A 296 -2.39 -5.32 14.72
N ARG A 297 -1.14 -4.80 14.64
N ARG A 297 -1.33 -4.60 15.04
CA ARG A 297 -0.43 -4.36 13.45
CA ARG A 297 -0.67 -3.97 13.92
C ARG A 297 0.74 -5.24 13.03
C ARG A 297 0.59 -4.75 13.62
N VAL A 298 0.75 -5.70 11.79
N VAL A 298 0.57 -5.41 12.46
CA VAL A 298 1.92 -6.22 11.09
CA VAL A 298 1.74 -6.17 12.06
C VAL A 298 3.03 -5.18 11.05
C VAL A 298 2.85 -5.30 11.47
N CYS A 299 2.62 -3.99 10.61
N CYS A 299 2.56 -4.10 10.98
CA CYS A 299 3.62 -3.04 10.20
CA CYS A 299 3.55 -3.23 10.33
C CYS A 299 3.71 -1.90 11.23
C CYS A 299 3.59 -1.93 11.12
N ALA A 300 4.84 -1.99 11.93
N ALA A 300 4.22 -1.90 12.31
CA ALA A 300 5.26 -1.02 12.90
CA ALA A 300 4.10 -0.84 13.30
C ALA A 300 6.76 -1.28 13.05
C ALA A 300 5.31 0.08 13.34
N LEU A 301 7.46 -0.30 13.60
N LEU A 301 6.28 -0.16 12.46
CA LEU A 301 8.91 -0.45 13.66
CA LEU A 301 7.48 0.65 12.31
C LEU A 301 9.52 0.40 14.77
C LEU A 301 8.14 0.95 13.65
N LEU A 302 10.09 -0.28 15.74
N LEU A 302 8.34 -0.11 14.45
CA LEU A 302 10.60 0.41 16.91
CA LEU A 302 8.70 0.12 15.84
C LEU A 302 11.62 1.47 16.58
C LEU A 302 10.03 0.83 15.99
N SER A 303 12.54 1.20 15.65
N SER A 303 10.85 0.78 14.94
CA SER A 303 13.62 2.13 15.37
CA SER A 303 12.14 1.45 14.96
C SER A 303 13.11 3.49 14.90
C SER A 303 12.02 2.97 15.00
N CYS A 304 11.87 3.56 14.40
N CYS A 304 10.82 3.49 14.74
CA CYS A 304 11.32 4.79 13.83
CA CYS A 304 10.63 4.91 14.51
C CYS A 304 10.33 5.48 14.77
C CYS A 304 9.57 5.55 15.40
N THR A 305 10.07 4.90 15.94
N THR A 305 9.26 4.94 16.55
CA THR A 305 9.05 5.44 16.82
CA THR A 305 8.27 5.60 17.41
C THR A 305 9.38 6.78 17.42
C THR A 305 8.80 6.95 17.89
N SER A 306 10.65 7.24 17.47
N SER A 306 10.12 7.11 17.91
CA SER A 306 10.80 8.59 18.01
CA SER A 306 10.81 8.31 18.35
C SER A 306 10.84 9.66 16.94
C SER A 306 10.94 9.36 17.26
N HIS A 307 10.73 9.30 15.65
N HIS A 307 10.25 9.17 16.14
CA HIS A 307 10.64 10.34 14.64
CA HIS A 307 10.32 10.12 15.03
C HIS A 307 9.38 11.14 14.93
C HIS A 307 9.24 11.18 15.18
N LYS A 308 9.44 12.45 14.77
CA LYS A 308 8.33 13.35 15.06
C LYS A 308 7.06 12.99 14.30
N ASP A 309 7.20 12.39 13.12
CA ASP A 309 6.04 12.10 12.28
C ASP A 309 5.65 10.63 12.28
N TYR A 310 6.25 9.81 13.16
N TYR A 310 6.09 9.88 13.29
CA TYR A 310 5.83 8.40 13.20
CA TYR A 310 5.69 8.50 13.50
C TYR A 310 4.34 8.31 13.45
C TYR A 310 4.18 8.32 13.56
N PRO A 311 3.59 7.54 12.66
CA PRO A 311 2.13 7.71 12.59
C PRO A 311 1.34 7.02 13.66
N PHE A 312 1.87 6.05 14.40
CA PHE A 312 1.05 5.16 15.23
C PHE A 312 1.10 5.49 16.70
N HIS A 313 1.57 6.65 17.11
CA HIS A 313 1.18 7.17 18.42
C HIS A 313 -0.29 7.58 18.44
N GLU A 314 -0.73 8.43 17.51
CA GLU A 314 -2.10 8.91 17.43
C GLU A 314 -3.10 7.75 17.33
N GLU A 315 -4.33 7.94 17.79
CA GLU A 315 -5.26 6.80 17.95
C GLU A 315 -5.71 6.20 16.62
N PHE A 316 -6.27 6.99 15.74
CA PHE A 316 -6.47 6.79 14.33
C PHE A 316 -5.86 7.97 13.56
PA NAP B . -0.33 -10.51 2.83
O1A NAP B . -1.29 -10.27 3.92
O2A NAP B . -0.71 -10.21 1.44
O5B NAP B . 0.20 -12.01 3.02
C5B NAP B . 1.19 -12.53 2.13
C4B NAP B . 1.48 -13.94 2.62
O4B NAP B . 0.33 -14.76 2.48
C3B NAP B . 2.62 -14.67 1.88
O3B NAP B . 3.34 -15.44 2.84
C2B NAP B . 1.84 -15.59 0.91
O2B NAP B . 2.59 -16.76 0.62
C1B NAP B . 0.60 -15.91 1.74
N9A NAP B . -0.56 -16.24 0.94
C8A NAP B . -1.02 -15.54 -0.17
N7A NAP B . -2.11 -16.03 -0.67
C5A NAP B . -2.40 -17.12 0.14
C6A NAP B . -3.46 -18.03 0.06
N6A NAP B . -4.41 -18.02 -0.86
N1A NAP B . -3.45 -19.04 1.02
C2A NAP B . -2.44 -19.08 1.97
N3A NAP B . -1.42 -18.21 2.09
C4A NAP B . -1.44 -17.23 1.13
O3 NAP B . 1.02 -9.71 3.23
PN NAP B . 1.85 -8.44 2.76
O1N NAP B . 2.82 -8.84 1.70
O2N NAP B . 2.40 -7.81 4.00
O5D NAP B . 0.78 -7.38 2.20
C5D NAP B . 0.34 -7.36 0.81
C4D NAP B . 1.06 -6.27 0.06
O4D NAP B . 0.70 -4.97 0.59
C3D NAP B . 2.59 -6.26 0.11
O3D NAP B . 3.20 -7.30 -0.62
C2D NAP B . 2.88 -4.85 -0.39
O2D NAP B . 2.69 -4.86 -1.81
C1D NAP B . 1.78 -4.06 0.33
N1N NAP B . 2.21 -3.51 1.65
C2N NAP B . 2.40 -2.15 1.73
C3N NAP B . 2.86 -1.59 2.90
C7N NAP B . 3.01 -0.09 3.05
O7N NAP B . 3.64 0.35 4.01
N7N NAP B . 2.37 0.65 2.16
C4N NAP B . 3.17 -2.41 4.00
C5N NAP B . 2.94 -3.79 3.93
C6N NAP B . 2.42 -4.34 2.77
P2B NAP B . 3.28 -17.06 -0.82
O1X NAP B . 4.42 -17.99 -0.42
O2X NAP B . 2.23 -17.74 -1.66
O3X NAP B . 3.73 -15.73 -1.39
C1 388 C . 7.62 -0.79 8.72
N10 388 C . 8.10 -1.43 7.53
C11 388 C . 9.26 -2.10 7.51
O12 388 C . 9.96 -2.20 8.51
C2 388 C . 7.97 0.67 8.83
C7 388 C . 7.40 1.45 9.85
F9 388 C . 6.57 0.86 10.71
C6 388 C . 7.63 2.83 9.95
C5 388 C . 8.46 3.44 9.03
BR8 388 C . 8.80 5.27 9.11
C4 388 C . 9.05 2.70 8.01
C3 388 C . 8.81 1.33 7.95
C8 388 C . 9.74 -2.52 6.15
C9 388 C . 11.11 -2.52 5.92
C10 388 C . 11.65 -2.87 4.69
C12 388 C . 10.78 -3.25 3.70
CL1 388 C . 11.41 -3.69 2.15
C14 388 C . 9.40 -3.30 3.90
C15 388 C . 8.89 -2.97 5.13
O20 388 C . 7.56 -3.07 5.44
C21 388 C . 6.62 -2.98 4.36
C22 388 C . 6.51 -1.56 3.86
O24 388 C . 5.96 -1.47 2.74
O23 388 C . 6.94 -0.64 4.60
C1 CIT D . 19.91 -1.53 -8.22
O1 CIT D . 19.38 -0.51 -8.75
O2 CIT D . 21.14 -1.78 -8.34
C2 CIT D . 19.02 -2.45 -7.43
C3 CIT D . 17.78 -2.93 -8.18
O7 CIT D . 18.14 -3.42 -9.48
C4 CIT D . 17.09 -4.04 -7.36
C5 CIT D . 16.02 -4.73 -8.14
O3 CIT D . 16.25 -5.93 -8.41
O4 CIT D . 15.00 -4.13 -8.48
C6 CIT D . 16.80 -1.79 -8.39
O5 CIT D . 16.50 -1.56 -9.60
O6 CIT D . 16.36 -1.15 -7.41
BR BR E . 8.09 5.00 9.73
#